data_6LCS
#
_entry.id   6LCS
#
_cell.length_a   91.150
_cell.length_b   91.150
_cell.length_c   119.770
_cell.angle_alpha   90.00
_cell.angle_beta   90.00
_cell.angle_gamma   90.00
#
_symmetry.space_group_name_H-M   'P 41 21 2'
#
loop_
_entity.id
_entity.type
_entity.pdbx_description
1 polymer VH-SARAH
2 polymer VL-SARAH
3 non-polymer '(2~{S})-6-[4-(hydroxymethyl)-3-oxidanyl-pyridin-1-ium-1-yl]-2-(phenylmethoxycarbonylamino)hexanoic acid'
4 non-polymer 'PHOSPHATE ION'
5 water water
#
loop_
_entity_poly.entity_id
_entity_poly.type
_entity_poly.pdbx_seq_one_letter_code
_entity_poly.pdbx_strand_id
1 'polypeptide(L)'
;MQVKLQQSGPSLVKPSQTLSLTCSVTGDSITSGYWNWIRKFPGNKFEYLGYISYSGRTYYNPSLKSRISITRDTSKNQYY
LQLNSVTTEDTATYYCSRPYYRYDYAIDYWGQGTTVTVCSGSDYEFLKSWTVEDLQKRLLALDPMMEQEIEEIRQKYQSK
RQPILDAIEAK
;
A
2 'polypeptide(L)'
;MDIELTQSPAIMSASLGEQVTMTCTASSSVSSSYLHWYQQKPGSSPKLWIYSTSNLASGVPARFSSSGSGTSYSLTISRM
EAEDAATYYCQQSWKAPYTFGGGTKLEIKRGSDYEFLKSWTVEDLQKRLLALDPMMEQEIEEIRQKYQCKRQPILDAIEA
K
;
B
#
loop_
_chem_comp.id
_chem_comp.type
_chem_comp.name
_chem_comp.formula
E9R non-polymer '(2~{S})-6-[4-(hydroxymethyl)-3-oxidanyl-pyridin-1-ium-1-yl]-2-(phenylmethoxycarbonylamino)hexanoic acid' 'C20 H25 N2 O6 1'
PO4 non-polymer 'PHOSPHATE ION' 'O4 P -3'
#
# COMPACT_ATOMS: atom_id res chain seq x y z
N VAL A 3 -18.78 -6.76 2.75
CA VAL A 3 -17.79 -7.32 1.84
C VAL A 3 -16.41 -7.21 2.45
N LYS A 4 -15.77 -8.35 2.70
CA LYS A 4 -14.46 -8.39 3.34
C LYS A 4 -13.56 -9.31 2.53
N LEU A 5 -12.49 -8.75 1.97
CA LEU A 5 -11.49 -9.52 1.25
C LEU A 5 -10.34 -9.81 2.20
N GLN A 6 -10.08 -11.09 2.46
CA GLN A 6 -9.11 -11.52 3.46
C GLN A 6 -7.94 -12.24 2.79
N GLN A 7 -6.74 -11.73 2.98
CA GLN A 7 -5.54 -12.27 2.34
C GLN A 7 -4.76 -13.16 3.28
N SER A 8 -4.08 -14.15 2.70
CA SER A 8 -3.20 -15.04 3.44
C SER A 8 -2.15 -15.56 2.49
N GLY A 9 -0.99 -15.88 3.05
CA GLY A 9 0.13 -16.31 2.26
C GLY A 9 1.45 -16.00 2.92
N PRO A 10 2.53 -16.52 2.35
CA PRO A 10 3.86 -16.28 2.94
C PRO A 10 4.34 -14.85 2.70
N SER A 11 5.18 -14.37 3.61
CA SER A 11 5.73 -13.03 3.48
C SER A 11 7.10 -13.00 2.81
N LEU A 12 7.81 -14.12 2.76
CA LEU A 12 9.10 -14.21 2.09
C LEU A 12 9.05 -15.20 0.93
N VAL A 13 9.89 -14.97 -0.07
CA VAL A 13 10.05 -15.91 -1.18
C VAL A 13 11.44 -15.73 -1.79
N LYS A 14 12.14 -16.84 -2.02
CA LYS A 14 13.49 -16.79 -2.55
C LYS A 14 13.45 -16.63 -4.07
N PRO A 15 14.48 -16.02 -4.66
CA PRO A 15 14.41 -15.70 -6.10
C PRO A 15 14.21 -16.95 -6.95
N SER A 16 13.63 -16.72 -8.13
CA SER A 16 13.26 -17.76 -9.10
C SER A 16 12.28 -18.78 -8.54
N GLN A 17 11.78 -18.57 -7.32
CA GLN A 17 10.70 -19.38 -6.78
C GLN A 17 9.34 -18.77 -7.14
N THR A 18 8.27 -19.38 -6.65
CA THR A 18 6.91 -18.99 -6.98
C THR A 18 6.24 -18.35 -5.77
N LEU A 19 5.68 -17.14 -5.98
CA LEU A 19 4.83 -16.51 -4.98
C LEU A 19 3.40 -17.01 -5.14
N SER A 20 2.74 -17.24 -4.01
CA SER A 20 1.36 -17.72 -4.00
C SER A 20 0.60 -16.99 -2.91
N LEU A 21 -0.56 -16.44 -3.25
CA LEU A 21 -1.36 -15.69 -2.31
C LEU A 21 -2.82 -16.07 -2.48
N THR A 22 -3.59 -15.91 -1.40
CA THR A 22 -5.00 -16.30 -1.38
C THR A 22 -5.85 -15.14 -0.89
N CYS A 23 -6.88 -14.79 -1.65
CA CYS A 23 -7.90 -13.85 -1.22
C CYS A 23 -9.18 -14.63 -0.91
N SER A 24 -9.68 -14.49 0.32
CA SER A 24 -10.87 -15.20 0.80
C SER A 24 -12.02 -14.20 0.91
N VAL A 25 -12.75 -14.04 -0.19
CA VAL A 25 -13.88 -13.13 -0.21
C VAL A 25 -14.99 -13.66 0.69
N THR A 26 -15.59 -12.78 1.49
CA THR A 26 -16.60 -13.20 2.45
C THR A 26 -17.89 -12.40 2.42
N GLY A 27 -18.05 -11.47 1.47
CA GLY A 27 -19.27 -10.67 1.47
C GLY A 27 -19.93 -10.54 0.12
N ASP A 28 -19.36 -11.20 -0.87
CA ASP A 28 -19.91 -11.29 -2.21
C ASP A 28 -19.57 -12.69 -2.71
N SER A 29 -19.83 -12.97 -3.98
CA SER A 29 -19.46 -14.24 -4.59
C SER A 29 -18.51 -13.97 -5.75
N ILE A 30 -17.41 -14.72 -5.81
CA ILE A 30 -16.43 -14.49 -6.87
C ILE A 30 -17.00 -14.84 -8.25
N THR A 31 -18.22 -15.38 -8.30
CA THR A 31 -18.95 -15.61 -9.54
C THR A 31 -19.72 -14.37 -9.99
N SER A 32 -19.55 -13.24 -9.30
CA SER A 32 -20.24 -12.00 -9.61
C SER A 32 -19.21 -10.91 -9.84
N GLY A 33 -19.33 -10.20 -10.97
CA GLY A 33 -18.44 -9.11 -11.29
C GLY A 33 -17.02 -9.57 -11.59
N TYR A 34 -16.06 -8.71 -11.24
CA TYR A 34 -14.65 -8.97 -11.43
C TYR A 34 -13.94 -8.89 -10.08
N TRP A 35 -12.69 -9.38 -10.05
CA TRP A 35 -11.85 -9.47 -8.87
C TRP A 35 -10.40 -9.41 -9.32
N ASN A 36 -9.61 -8.48 -8.76
CA ASN A 36 -8.28 -8.27 -9.29
C ASN A 36 -7.21 -8.51 -8.23
N TRP A 37 -5.96 -8.43 -8.68
CA TRP A 37 -4.77 -8.37 -7.82
C TRP A 37 -3.97 -7.15 -8.24
N ILE A 38 -3.48 -6.41 -7.25
CA ILE A 38 -2.73 -5.18 -7.46
C ILE A 38 -1.59 -5.16 -6.46
N ARG A 39 -0.40 -4.77 -6.91
CA ARG A 39 0.72 -4.66 -6.00
C ARG A 39 1.23 -3.22 -5.95
N LYS A 40 1.75 -2.85 -4.80
CA LYS A 40 2.29 -1.51 -4.55
C LYS A 40 3.78 -1.64 -4.29
N PHE A 41 4.59 -1.14 -5.23
CA PHE A 41 6.02 -1.14 -5.08
C PHE A 41 6.44 -0.18 -3.96
N PRO A 42 7.61 -0.41 -3.35
CA PRO A 42 8.04 0.45 -2.23
C PRO A 42 8.08 1.92 -2.58
N GLY A 43 8.30 2.27 -3.85
CA GLY A 43 8.36 3.68 -4.22
C GLY A 43 7.00 4.35 -4.42
N ASN A 44 5.96 3.82 -3.76
CA ASN A 44 4.59 4.33 -3.87
C ASN A 44 4.07 4.30 -5.31
N LYS A 45 4.23 3.15 -5.96
CA LYS A 45 3.77 2.98 -7.34
C LYS A 45 2.92 1.73 -7.41
N PHE A 46 1.67 1.88 -7.83
CA PHE A 46 0.75 0.76 -7.97
C PHE A 46 0.93 0.12 -9.33
N GLU A 47 0.81 -1.20 -9.37
CA GLU A 47 0.84 -1.95 -10.63
C GLU A 47 -0.36 -2.87 -10.64
N TYR A 48 -1.25 -2.67 -11.61
CA TYR A 48 -2.35 -3.59 -11.82
C TYR A 48 -1.79 -4.89 -12.36
N LEU A 49 -2.06 -6.00 -11.66
CA LEU A 49 -1.52 -7.30 -12.04
C LEU A 49 -2.47 -8.07 -12.94
N GLY A 50 -3.74 -8.17 -12.55
CA GLY A 50 -4.74 -8.77 -13.42
C GLY A 50 -6.02 -9.04 -12.65
N TYR A 51 -7.04 -9.46 -13.41
CA TYR A 51 -8.32 -9.82 -12.82
C TYR A 51 -8.76 -11.21 -13.27
N ILE A 52 -9.56 -11.82 -12.40
CA ILE A 52 -10.34 -13.00 -12.73
C ILE A 52 -11.79 -12.54 -12.85
N SER A 53 -12.47 -13.00 -13.89
CA SER A 53 -13.85 -12.57 -14.10
C SER A 53 -14.83 -13.49 -13.37
N TYR A 54 -16.11 -13.11 -13.43
CA TYR A 54 -17.17 -13.91 -12.82
C TYR A 54 -17.28 -15.27 -13.48
N SER A 55 -17.06 -15.33 -14.80
CA SER A 55 -17.18 -16.55 -15.57
C SER A 55 -15.91 -17.37 -15.58
N GLY A 56 -14.77 -16.77 -15.24
CA GLY A 56 -13.50 -17.46 -15.19
C GLY A 56 -12.48 -16.95 -16.18
N ARG A 57 -12.85 -16.06 -17.10
CA ARG A 57 -11.85 -15.42 -17.94
C ARG A 57 -10.92 -14.56 -17.08
N THR A 58 -9.72 -14.33 -17.59
CA THR A 58 -8.69 -13.61 -16.85
C THR A 58 -8.04 -12.59 -17.75
N TYR A 59 -7.36 -11.63 -17.12
CA TYR A 59 -6.51 -10.69 -17.83
C TYR A 59 -5.23 -10.55 -17.05
N TYR A 60 -4.11 -10.48 -17.76
CA TYR A 60 -2.79 -10.40 -17.16
C TYR A 60 -2.06 -9.21 -17.73
N ASN A 61 -1.39 -8.46 -16.88
CA ASN A 61 -0.66 -7.30 -17.34
C ASN A 61 0.49 -7.75 -18.24
N PRO A 62 0.57 -7.27 -19.47
CA PRO A 62 1.70 -7.62 -20.33
C PRO A 62 3.05 -7.41 -19.68
N SER A 63 3.13 -6.46 -18.73
CA SER A 63 4.39 -6.16 -18.07
C SER A 63 4.95 -7.38 -17.35
N LEU A 64 4.07 -8.19 -16.75
CA LEU A 64 4.48 -9.39 -16.05
C LEU A 64 4.87 -10.53 -16.97
N LYS A 65 4.90 -10.29 -18.28
CA LYS A 65 5.07 -11.34 -19.28
C LYS A 65 4.03 -12.44 -19.06
N SER A 66 4.48 -13.68 -18.90
CA SER A 66 3.56 -14.78 -18.62
C SER A 66 3.82 -15.41 -17.26
N ARG A 67 4.54 -14.69 -16.39
CA ARG A 67 4.92 -15.21 -15.09
C ARG A 67 3.75 -15.29 -14.11
N ILE A 68 2.60 -14.73 -14.45
CA ILE A 68 1.48 -14.62 -13.53
C ILE A 68 0.34 -15.50 -14.03
N SER A 69 -0.29 -16.22 -13.11
CA SER A 69 -1.54 -16.91 -13.39
C SER A 69 -2.49 -16.67 -12.21
N ILE A 70 -3.70 -16.22 -12.52
CA ILE A 70 -4.72 -15.97 -11.52
C ILE A 70 -5.74 -17.09 -11.60
N THR A 71 -6.06 -17.66 -10.44
CA THR A 71 -6.83 -18.89 -10.30
C THR A 71 -7.95 -18.66 -9.31
N ARG A 72 -9.14 -19.18 -9.61
CA ARG A 72 -10.29 -19.08 -8.72
C ARG A 72 -10.68 -20.47 -8.22
N ASP A 73 -11.34 -20.49 -7.07
CA ASP A 73 -11.98 -21.70 -6.53
C ASP A 73 -13.41 -21.32 -6.19
N THR A 74 -14.31 -21.51 -7.15
CA THR A 74 -15.68 -21.03 -7.01
C THR A 74 -16.38 -21.56 -5.77
N SER A 75 -15.93 -22.71 -5.24
CA SER A 75 -16.64 -23.34 -4.14
C SER A 75 -16.30 -22.70 -2.79
N LYS A 76 -15.04 -22.37 -2.57
CA LYS A 76 -14.61 -21.75 -1.31
C LYS A 76 -14.64 -20.23 -1.36
N ASN A 77 -15.17 -19.64 -2.44
CA ASN A 77 -15.18 -18.19 -2.65
C ASN A 77 -13.78 -17.61 -2.42
N GLN A 78 -12.80 -18.23 -3.06
CA GLN A 78 -11.42 -17.80 -3.00
C GLN A 78 -10.89 -17.56 -4.40
N TYR A 79 -9.84 -16.76 -4.49
CA TYR A 79 -9.05 -16.75 -5.70
C TYR A 79 -7.59 -16.50 -5.34
N TYR A 80 -6.70 -16.82 -6.28
CA TYR A 80 -5.30 -17.03 -5.97
C TYR A 80 -4.43 -16.32 -6.98
N LEU A 81 -3.32 -15.79 -6.47
CA LEU A 81 -2.29 -15.21 -7.30
C LEU A 81 -1.07 -16.11 -7.27
N GLN A 82 -0.42 -16.25 -8.41
CA GLN A 82 0.79 -17.04 -8.52
C GLN A 82 1.74 -16.30 -9.44
N LEU A 83 2.91 -15.95 -8.93
CA LEU A 83 3.95 -15.32 -9.72
C LEU A 83 5.15 -16.25 -9.77
N ASN A 84 5.60 -16.58 -10.97
CA ASN A 84 6.71 -17.50 -11.19
C ASN A 84 8.02 -16.74 -11.39
N SER A 85 9.12 -17.42 -11.10
CA SER A 85 10.47 -16.89 -11.27
C SER A 85 10.60 -15.50 -10.65
N VAL A 86 10.31 -15.45 -9.34
CA VAL A 86 10.14 -14.19 -8.64
C VAL A 86 11.52 -13.60 -8.32
N THR A 87 11.88 -12.52 -9.00
CA THR A 87 13.12 -11.81 -8.69
C THR A 87 12.88 -10.82 -7.54
N THR A 88 13.86 -9.98 -7.24
CA THR A 88 13.67 -8.98 -6.19
C THR A 88 12.89 -7.77 -6.67
N GLU A 89 12.72 -7.60 -7.98
CA GLU A 89 11.85 -6.57 -8.49
C GLU A 89 10.37 -6.89 -8.27
N ASP A 90 10.06 -8.05 -7.74
CA ASP A 90 8.69 -8.40 -7.36
C ASP A 90 8.41 -8.13 -5.90
N THR A 91 9.32 -7.46 -5.19
CA THR A 91 9.08 -7.07 -3.81
C THR A 91 8.09 -5.91 -3.79
N ALA A 92 6.98 -6.10 -3.08
CA ALA A 92 5.89 -5.14 -3.06
C ALA A 92 4.89 -5.59 -2.02
N THR A 93 3.87 -4.76 -1.78
CA THR A 93 2.69 -5.17 -1.03
C THR A 93 1.61 -5.55 -2.02
N TYR A 94 1.11 -6.78 -1.90
CA TYR A 94 0.16 -7.35 -2.85
C TYR A 94 -1.25 -7.21 -2.29
N TYR A 95 -2.15 -6.70 -3.12
CA TYR A 95 -3.53 -6.43 -2.74
C TYR A 95 -4.47 -7.19 -3.66
N CYS A 96 -5.48 -7.82 -3.08
CA CYS A 96 -6.66 -8.16 -3.83
C CYS A 96 -7.69 -7.05 -3.64
N SER A 97 -8.63 -6.96 -4.57
CA SER A 97 -9.58 -5.86 -4.50
C SER A 97 -10.70 -6.10 -5.51
N ARG A 98 -11.86 -5.55 -5.19
CA ARG A 98 -13.05 -5.74 -6.01
C ARG A 98 -13.39 -4.46 -6.74
N PRO A 99 -13.24 -4.39 -8.05
CA PRO A 99 -13.89 -3.31 -8.79
C PRO A 99 -15.39 -3.55 -8.83
N TYR A 100 -16.17 -2.48 -8.87
CA TYR A 100 -17.62 -2.58 -8.81
C TYR A 100 -18.23 -1.86 -10.00
N TYR A 101 -19.15 -2.54 -10.68
CA TYR A 101 -19.72 -2.01 -11.92
C TYR A 101 -20.53 -0.73 -11.68
N ARG A 102 -21.16 -0.61 -10.51
CA ARG A 102 -21.97 0.57 -10.23
C ARG A 102 -21.14 1.84 -10.21
N TYR A 103 -19.85 1.73 -9.85
CA TYR A 103 -18.91 2.84 -9.87
C TYR A 103 -18.04 2.85 -11.12
N ASP A 104 -18.52 2.24 -12.21
CA ASP A 104 -17.75 2.04 -13.44
C ASP A 104 -16.40 1.38 -13.15
N TYR A 105 -16.40 0.46 -12.19
CA TYR A 105 -15.27 -0.39 -11.80
C TYR A 105 -14.20 0.35 -11.02
N ALA A 106 -14.57 1.44 -10.35
CA ALA A 106 -13.76 1.93 -9.24
C ALA A 106 -13.69 0.85 -8.17
N ILE A 107 -12.59 0.84 -7.42
CA ILE A 107 -12.29 -0.22 -6.48
C ILE A 107 -12.75 0.20 -5.09
N ASP A 108 -13.83 -0.42 -4.61
CA ASP A 108 -14.45 -0.02 -3.35
C ASP A 108 -14.11 -0.92 -2.18
N TYR A 109 -13.45 -2.06 -2.41
CA TYR A 109 -13.07 -2.94 -1.32
C TYR A 109 -11.69 -3.50 -1.60
N TRP A 110 -10.87 -3.54 -0.56
CA TRP A 110 -9.47 -3.94 -0.67
C TRP A 110 -9.13 -4.92 0.43
N GLY A 111 -8.38 -5.95 0.07
CA GLY A 111 -7.77 -6.78 1.09
C GLY A 111 -6.79 -5.99 1.92
N GLN A 112 -6.43 -6.56 3.08
CA GLN A 112 -5.51 -5.86 3.96
C GLN A 112 -4.08 -5.89 3.48
N GLY A 113 -3.82 -6.53 2.35
CA GLY A 113 -2.50 -6.53 1.75
C GLY A 113 -1.58 -7.58 2.35
N THR A 114 -0.57 -7.94 1.57
CA THR A 114 0.49 -8.84 2.01
C THR A 114 1.81 -8.26 1.56
N THR A 115 2.67 -7.90 2.52
CA THR A 115 4.00 -7.39 2.19
C THR A 115 4.91 -8.59 1.91
N VAL A 116 5.45 -8.64 0.70
CA VAL A 116 6.19 -9.81 0.23
C VAL A 116 7.59 -9.34 -0.13
N THR A 117 8.58 -9.93 0.55
CA THR A 117 9.98 -9.62 0.30
C THR A 117 10.63 -10.76 -0.46
N VAL A 118 11.61 -10.42 -1.30
CA VAL A 118 12.37 -11.39 -2.07
C VAL A 118 13.83 -11.28 -1.64
N CYS A 119 14.38 -12.37 -1.12
CA CYS A 119 15.70 -12.38 -0.48
C CYS A 119 16.69 -13.14 -1.35
N SER A 120 17.63 -12.41 -1.95
CA SER A 120 18.67 -13.04 -2.78
C SER A 120 19.37 -14.17 -2.02
N GLY A 121 19.95 -13.86 -0.86
CA GLY A 121 20.52 -14.89 0.00
C GLY A 121 21.75 -15.56 -0.56
N SER A 122 22.52 -14.85 -1.38
CA SER A 122 23.71 -15.42 -2.03
C SER A 122 24.90 -15.35 -1.09
N ASP A 123 24.89 -16.21 -0.08
CA ASP A 123 25.96 -16.27 0.91
C ASP A 123 26.63 -17.63 0.99
N TYR A 124 26.53 -18.43 -0.08
CA TYR A 124 27.26 -19.69 -0.12
C TYR A 124 28.73 -19.48 0.18
N GLU A 125 29.36 -18.58 -0.58
CA GLU A 125 30.81 -18.38 -0.45
C GLU A 125 31.21 -17.82 0.92
N PHE A 126 30.31 -17.16 1.63
CA PHE A 126 30.68 -16.63 2.93
C PHE A 126 30.40 -17.62 4.06
N LEU A 127 29.19 -18.15 4.13
CA LEU A 127 28.77 -19.03 5.21
C LEU A 127 29.38 -20.43 5.11
N LYS A 128 30.22 -20.71 4.10
CA LYS A 128 30.84 -22.02 4.02
C LYS A 128 31.93 -22.17 5.07
N SER A 129 32.70 -21.12 5.31
CA SER A 129 33.72 -21.13 6.36
C SER A 129 33.14 -20.89 7.75
N TRP A 130 32.00 -21.50 8.06
CA TRP A 130 31.39 -21.46 9.38
C TRP A 130 31.02 -22.87 9.80
N THR A 131 31.32 -23.22 11.05
CA THR A 131 30.73 -24.43 11.61
C THR A 131 29.26 -24.16 11.93
N VAL A 132 28.50 -25.25 12.02
CA VAL A 132 27.08 -25.11 12.34
C VAL A 132 26.90 -24.45 13.70
N GLU A 133 27.86 -24.62 14.61
CA GLU A 133 27.79 -23.97 15.91
C GLU A 133 28.03 -22.46 15.78
N ASP A 134 29.01 -22.08 14.96
CA ASP A 134 29.20 -20.66 14.65
C ASP A 134 27.94 -20.06 14.02
N LEU A 135 27.30 -20.81 13.13
CA LEU A 135 26.11 -20.30 12.44
C LEU A 135 24.95 -20.09 13.41
N GLN A 136 24.81 -20.95 14.41
CA GLN A 136 23.72 -20.76 15.36
C GLN A 136 24.02 -19.63 16.34
N LYS A 137 25.29 -19.29 16.54
CA LYS A 137 25.62 -18.03 17.21
C LYS A 137 25.31 -16.85 16.29
N ARG A 138 25.71 -16.94 15.03
CA ARG A 138 25.42 -15.87 14.08
C ARG A 138 23.91 -15.64 13.95
N LEU A 139 23.12 -16.72 13.97
CA LEU A 139 21.67 -16.57 13.87
C LEU A 139 21.11 -15.82 15.07
N LEU A 140 21.61 -16.13 16.26
CA LEU A 140 21.18 -15.42 17.47
C LEU A 140 21.79 -14.04 17.57
N ALA A 141 22.82 -13.73 16.76
CA ALA A 141 23.39 -12.39 16.78
C ALA A 141 22.41 -11.36 16.24
N LEU A 142 21.48 -11.78 15.39
CA LEU A 142 20.53 -10.84 14.79
C LEU A 142 19.57 -10.29 15.83
N ASP A 143 19.25 -11.05 16.87
CA ASP A 143 18.24 -10.62 17.84
C ASP A 143 18.58 -9.29 18.52
N PRO A 144 19.74 -9.12 19.15
CA PRO A 144 20.03 -7.81 19.75
C PRO A 144 20.17 -6.72 18.72
N MET A 145 20.60 -7.06 17.51
CA MET A 145 20.70 -6.09 16.43
C MET A 145 19.33 -5.55 16.04
N MET A 146 18.39 -6.45 15.75
CA MET A 146 17.05 -6.04 15.36
C MET A 146 16.36 -5.28 16.48
N GLU A 147 16.50 -5.74 17.72
CA GLU A 147 15.86 -5.04 18.84
C GLU A 147 16.38 -3.63 18.99
N GLN A 148 17.65 -3.42 18.66
CA GLN A 148 18.20 -2.07 18.69
C GLN A 148 17.47 -1.17 17.71
N GLU A 149 17.33 -1.62 16.46
CA GLU A 149 16.61 -0.85 15.46
C GLU A 149 15.19 -0.56 15.90
N ILE A 150 14.50 -1.57 16.44
CA ILE A 150 13.12 -1.37 16.88
C ILE A 150 13.06 -0.35 18.00
N GLU A 151 14.07 -0.35 18.87
CA GLU A 151 14.09 0.63 19.96
C GLU A 151 14.33 2.04 19.45
N GLU A 152 15.17 2.19 18.41
CA GLU A 152 15.32 3.49 17.78
C GLU A 152 14.00 3.99 17.23
N ILE A 153 13.25 3.11 16.55
CA ILE A 153 11.92 3.48 16.06
C ILE A 153 11.03 3.93 17.21
N ARG A 154 10.96 3.13 18.28
CA ARG A 154 10.07 3.44 19.40
C ARG A 154 10.41 4.78 20.04
N GLN A 155 11.71 5.09 20.16
CA GLN A 155 12.12 6.33 20.79
C GLN A 155 11.92 7.53 19.86
N LYS A 156 12.07 7.32 18.55
CA LYS A 156 11.81 8.37 17.58
C LYS A 156 10.38 8.89 17.71
N TYR A 157 9.42 7.98 17.90
CA TYR A 157 8.03 8.37 18.09
C TYR A 157 7.74 8.78 19.51
N GLN A 158 8.61 8.45 20.47
CA GLN A 158 8.52 9.01 21.81
C GLN A 158 8.78 10.52 21.77
N SER A 159 9.76 10.94 20.99
CA SER A 159 9.99 12.36 20.80
C SER A 159 8.95 12.98 19.89
N LYS A 160 8.60 12.31 18.78
CA LYS A 160 7.69 12.88 17.80
C LYS A 160 6.31 13.16 18.39
N ARG A 161 5.91 12.44 19.44
CA ARG A 161 4.61 12.69 20.05
C ARG A 161 4.70 13.61 21.27
N GLN A 162 5.89 13.83 21.82
CA GLN A 162 6.01 14.68 23.00
C GLN A 162 5.40 16.06 22.81
N PRO A 163 5.68 16.81 21.73
CA PRO A 163 4.98 18.09 21.54
C PRO A 163 3.47 17.97 21.59
N ILE A 164 2.92 16.84 21.13
CA ILE A 164 1.47 16.65 21.12
C ILE A 164 0.95 16.52 22.54
N LEU A 165 1.59 15.68 23.35
CA LEU A 165 1.17 15.52 24.74
C LEU A 165 1.32 16.84 25.51
N ASP A 166 2.43 17.53 25.32
CA ASP A 166 2.58 18.85 25.93
C ASP A 166 1.42 19.76 25.52
N ALA A 167 1.05 19.74 24.23
CA ALA A 167 -0.01 20.62 23.76
C ALA A 167 -1.37 20.24 24.31
N ILE A 168 -1.57 18.96 24.66
CA ILE A 168 -2.84 18.55 25.25
C ILE A 168 -2.95 19.03 26.69
N GLU A 169 -1.88 18.84 27.47
CA GLU A 169 -1.88 19.26 28.87
C GLU A 169 -2.30 20.72 29.01
N ALA A 170 -1.70 21.60 28.21
CA ALA A 170 -2.10 23.00 28.16
C ALA A 170 -3.59 23.11 27.86
N MET B 1 -0.47 0.75 -25.74
CA MET B 1 -0.28 2.11 -25.28
C MET B 1 -1.05 2.36 -23.98
N ASP B 2 -0.36 2.23 -22.85
CA ASP B 2 -0.98 2.41 -21.55
C ASP B 2 -1.21 3.89 -21.23
N ILE B 3 -2.24 4.15 -20.44
CA ILE B 3 -2.60 5.51 -20.06
C ILE B 3 -1.81 5.90 -18.82
N GLU B 4 -0.81 6.77 -18.99
CA GLU B 4 -0.03 7.26 -17.86
C GLU B 4 -0.76 8.36 -17.12
N LEU B 5 -0.87 8.22 -15.81
CA LEU B 5 -1.47 9.24 -14.94
C LEU B 5 -0.35 9.90 -14.15
N THR B 6 -0.25 11.23 -14.26
CA THR B 6 0.77 12.02 -13.60
C THR B 6 0.13 12.93 -12.57
N GLN B 7 0.64 12.91 -11.35
CA GLN B 7 0.07 13.65 -10.23
C GLN B 7 1.02 14.73 -9.76
N SER B 8 0.57 15.98 -9.80
CA SER B 8 1.39 17.05 -9.28
C SER B 8 0.66 17.76 -8.13
N PRO B 9 1.38 18.19 -7.09
CA PRO B 9 2.80 17.81 -6.94
C PRO B 9 2.91 16.40 -6.35
N ALA B 10 4.10 15.80 -6.39
CA ALA B 10 4.25 14.49 -5.76
C ALA B 10 4.09 14.59 -4.25
N ILE B 11 4.56 15.67 -3.66
CA ILE B 11 4.36 15.95 -2.24
C ILE B 11 3.96 17.41 -2.08
N MET B 12 3.12 17.66 -1.09
CA MET B 12 2.76 19.03 -0.76
C MET B 12 2.38 19.10 0.72
N SER B 13 2.87 20.14 1.38
CA SER B 13 2.60 20.41 2.77
C SER B 13 1.64 21.59 2.89
N ALA B 14 0.66 21.46 3.76
CA ALA B 14 -0.37 22.46 3.89
C ALA B 14 -0.68 22.65 5.37
N SER B 15 -1.05 23.87 5.75
CA SER B 15 -1.47 24.10 7.12
C SER B 15 -2.98 23.92 7.19
N LEU B 16 -3.44 23.46 8.35
CA LEU B 16 -4.87 23.28 8.57
C LEU B 16 -5.65 24.52 8.13
N GLY B 17 -6.91 24.32 7.78
CA GLY B 17 -7.76 25.41 7.35
C GLY B 17 -7.50 25.91 5.95
N GLU B 18 -6.35 25.58 5.36
CA GLU B 18 -6.09 25.94 3.98
C GLU B 18 -7.00 25.20 3.01
N GLN B 19 -7.00 25.67 1.77
CA GLN B 19 -7.69 25.02 0.67
C GLN B 19 -6.63 24.52 -0.32
N VAL B 20 -6.66 23.23 -0.61
CA VAL B 20 -5.59 22.54 -1.32
C VAL B 20 -6.17 21.84 -2.53
N THR B 21 -5.47 21.92 -3.66
CA THR B 21 -5.94 21.34 -4.92
C THR B 21 -4.79 20.59 -5.58
N MET B 22 -4.93 19.28 -5.68
CA MET B 22 -3.96 18.41 -6.34
C MET B 22 -4.54 17.96 -7.67
N THR B 23 -3.66 17.68 -8.63
CA THR B 23 -4.11 17.43 -9.99
C THR B 23 -3.57 16.10 -10.52
N CYS B 24 -4.25 15.63 -11.55
CA CYS B 24 -3.98 14.36 -12.23
C CYS B 24 -4.16 14.62 -13.72
N THR B 25 -3.17 14.26 -14.54
CA THR B 25 -3.23 14.51 -15.97
C THR B 25 -2.89 13.23 -16.72
N ALA B 26 -3.80 12.81 -17.59
CA ALA B 26 -3.64 11.58 -18.35
C ALA B 26 -2.89 11.86 -19.65
N SER B 27 -2.30 10.80 -20.19
CA SER B 27 -1.62 10.90 -21.48
C SER B 27 -2.60 10.98 -22.63
N SER B 28 -3.83 10.50 -22.44
CA SER B 28 -4.86 10.57 -23.45
C SER B 28 -6.20 10.72 -22.75
N SER B 29 -7.22 11.09 -23.51
CA SER B 29 -8.53 11.36 -22.91
C SER B 29 -9.07 10.11 -22.22
N VAL B 30 -9.73 10.33 -21.09
CA VAL B 30 -10.49 9.31 -20.38
C VAL B 30 -11.80 9.96 -20.00
N SER B 31 -12.90 9.29 -20.31
CA SER B 31 -14.20 9.83 -19.94
C SER B 31 -14.30 9.96 -18.42
N SER B 32 -14.98 11.02 -17.98
CA SER B 32 -15.02 11.40 -16.58
C SER B 32 -15.52 10.26 -15.69
N SER B 33 -16.34 9.36 -16.21
CA SER B 33 -16.92 8.35 -15.34
C SER B 33 -15.92 7.27 -14.94
N TYR B 34 -14.73 7.27 -15.53
CA TYR B 34 -13.72 6.25 -15.24
C TYR B 34 -12.53 6.77 -14.46
N LEU B 35 -12.45 8.08 -14.20
CA LEU B 35 -11.40 8.67 -13.37
C LEU B 35 -11.83 8.62 -11.92
N HIS B 36 -10.99 8.03 -11.05
CA HIS B 36 -11.29 7.85 -9.64
C HIS B 36 -10.14 8.35 -8.77
N TRP B 37 -10.42 8.46 -7.46
CA TRP B 37 -9.46 8.94 -6.47
C TRP B 37 -9.51 8.06 -5.23
N TYR B 38 -8.33 7.70 -4.73
CA TYR B 38 -8.20 6.91 -3.51
C TYR B 38 -7.34 7.63 -2.50
N GLN B 39 -7.62 7.39 -1.23
CA GLN B 39 -6.83 7.91 -0.11
C GLN B 39 -6.18 6.74 0.62
N GLN B 40 -4.87 6.82 0.83
CA GLN B 40 -4.18 5.81 1.63
C GLN B 40 -3.35 6.48 2.73
N LYS B 41 -3.70 6.13 4.11
CA LYS B 41 -2.86 6.39 5.27
C LYS B 41 -1.96 5.18 5.51
N PRO B 42 -0.75 5.39 6.06
CA PRO B 42 0.15 4.25 6.26
C PRO B 42 -0.46 3.21 7.19
N GLY B 43 -0.08 1.95 6.97
CA GLY B 43 -0.54 0.85 7.77
C GLY B 43 -1.88 0.26 7.36
N SER B 44 -2.63 0.92 6.49
CA SER B 44 -3.92 0.41 6.05
C SER B 44 -4.04 0.53 4.53
N SER B 45 -5.08 -0.11 4.01
CA SER B 45 -5.27 -0.25 2.59
C SER B 45 -5.87 1.01 1.98
N PRO B 46 -5.69 1.23 0.68
CA PRO B 46 -6.36 2.36 0.03
C PRO B 46 -7.86 2.34 0.25
N LYS B 47 -8.43 3.53 0.40
CA LYS B 47 -9.87 3.69 0.46
C LYS B 47 -10.31 4.44 -0.79
N LEU B 48 -11.37 3.94 -1.44
CA LEU B 48 -12.01 4.72 -2.49
C LEU B 48 -12.57 6.00 -1.89
N TRP B 49 -12.17 7.12 -2.48
CA TRP B 49 -12.50 8.44 -1.97
C TRP B 49 -13.47 9.18 -2.89
N ILE B 50 -13.20 9.11 -4.19
CA ILE B 50 -14.03 9.77 -5.20
C ILE B 50 -14.03 8.90 -6.45
N TYR B 51 -15.23 8.59 -6.95
CA TYR B 51 -15.35 7.80 -8.16
C TYR B 51 -16.04 8.60 -9.25
N SER B 52 -15.66 8.31 -10.49
CA SER B 52 -16.28 8.93 -11.66
C SER B 52 -16.16 10.45 -11.58
N THR B 53 -14.95 10.91 -11.33
CA THR B 53 -14.58 12.32 -11.33
C THR B 53 -15.24 13.14 -10.23
N SER B 54 -16.55 12.98 -10.01
CA SER B 54 -17.31 13.86 -9.10
C SER B 54 -18.40 13.07 -8.36
N ASN B 55 -17.97 12.13 -7.52
CA ASN B 55 -18.89 11.45 -6.61
C ASN B 55 -18.08 11.04 -5.39
N LEU B 56 -18.55 11.40 -4.19
CA LEU B 56 -17.82 11.04 -2.98
C LEU B 56 -18.28 9.68 -2.50
N ALA B 57 -17.31 8.80 -2.24
CA ALA B 57 -17.64 7.56 -1.57
C ALA B 57 -18.27 7.87 -0.21
N SER B 58 -18.98 6.89 0.33
CA SER B 58 -19.65 7.12 1.60
C SER B 58 -18.61 7.31 2.70
N GLY B 59 -18.91 8.22 3.63
CA GLY B 59 -18.02 8.56 4.71
C GLY B 59 -17.01 9.64 4.38
N VAL B 60 -16.83 9.95 3.10
CA VAL B 60 -15.87 10.98 2.70
C VAL B 60 -16.46 12.35 3.02
N PRO B 61 -15.80 13.15 3.85
CA PRO B 61 -16.38 14.42 4.30
C PRO B 61 -16.55 15.41 3.15
N ALA B 62 -17.55 16.29 3.31
CA ALA B 62 -17.98 17.19 2.24
C ALA B 62 -16.93 18.22 1.86
N ARG B 63 -15.90 18.43 2.69
CA ARG B 63 -14.85 19.38 2.33
C ARG B 63 -14.05 18.90 1.13
N PHE B 64 -14.20 17.63 0.75
CA PHE B 64 -13.57 17.09 -0.44
C PHE B 64 -14.45 17.33 -1.66
N SER B 65 -13.82 17.72 -2.76
CA SER B 65 -14.51 17.85 -4.02
C SER B 65 -13.53 17.50 -5.13
N SER B 66 -14.07 17.19 -6.30
CA SER B 66 -13.23 16.81 -7.43
C SER B 66 -13.95 17.17 -8.72
N SER B 67 -13.17 17.51 -9.73
CA SER B 67 -13.72 17.85 -11.03
C SER B 67 -12.67 17.57 -12.10
N GLY B 68 -13.05 17.79 -13.35
CA GLY B 68 -12.19 17.59 -14.48
C GLY B 68 -12.87 16.77 -15.57
N SER B 69 -12.19 16.70 -16.70
CA SER B 69 -12.63 15.91 -17.84
C SER B 69 -11.47 15.88 -18.83
N GLY B 70 -11.59 14.99 -19.81
CA GLY B 70 -10.57 14.89 -20.84
C GLY B 70 -9.26 14.37 -20.27
N THR B 71 -8.21 15.19 -20.29
CA THR B 71 -6.90 14.78 -19.81
C THR B 71 -6.44 15.57 -18.59
N SER B 72 -7.34 16.23 -17.87
CA SER B 72 -6.94 16.98 -16.68
C SER B 72 -8.04 16.89 -15.63
N TYR B 73 -7.69 16.34 -14.47
CA TYR B 73 -8.61 16.15 -13.37
C TYR B 73 -7.96 16.66 -12.10
N SER B 74 -8.76 16.84 -11.05
CA SER B 74 -8.26 17.49 -9.86
C SER B 74 -9.10 17.11 -8.66
N LEU B 75 -8.47 17.15 -7.48
CA LEU B 75 -9.10 16.88 -6.21
C LEU B 75 -8.81 18.06 -5.30
N THR B 76 -9.81 18.51 -4.55
CA THR B 76 -9.68 19.73 -3.75
C THR B 76 -10.19 19.48 -2.34
N ILE B 77 -9.41 19.94 -1.35
CA ILE B 77 -9.86 20.03 0.02
C ILE B 77 -10.16 21.49 0.34
N SER B 78 -11.31 21.74 0.97
CA SER B 78 -11.73 23.12 1.22
C SER B 78 -11.03 23.71 2.44
N ARG B 79 -11.27 23.13 3.61
CA ARG B 79 -10.67 23.62 4.85
C ARG B 79 -9.98 22.43 5.50
N MET B 80 -8.72 22.20 5.11
CA MET B 80 -7.99 21.01 5.50
C MET B 80 -8.03 20.77 7.01
N GLU B 81 -8.07 19.51 7.39
CA GLU B 81 -7.99 19.13 8.78
C GLU B 81 -6.79 18.20 8.98
N ALA B 82 -6.43 18.00 10.26
CA ALA B 82 -5.26 17.18 10.58
C ALA B 82 -5.35 15.80 9.94
N GLU B 83 -6.54 15.20 9.93
CA GLU B 83 -6.71 13.82 9.49
C GLU B 83 -6.66 13.66 7.97
N ASP B 84 -6.81 14.75 7.20
CA ASP B 84 -6.64 14.63 5.77
C ASP B 84 -5.19 14.42 5.36
N ALA B 85 -4.28 14.29 6.31
CA ALA B 85 -2.89 14.03 5.99
C ALA B 85 -2.77 12.58 5.51
N ALA B 86 -2.50 12.40 4.22
CA ALA B 86 -2.55 11.07 3.60
C ALA B 86 -1.93 11.18 2.22
N THR B 87 -1.96 10.07 1.49
CA THR B 87 -1.53 10.03 0.09
C THR B 87 -2.75 9.76 -0.77
N TYR B 88 -2.88 10.53 -1.85
CA TYR B 88 -4.06 10.53 -2.71
C TYR B 88 -3.65 10.05 -4.08
N TYR B 89 -4.34 9.01 -4.57
CA TYR B 89 -4.02 8.43 -5.86
C TYR B 89 -5.19 8.62 -6.81
N CYS B 90 -4.90 9.03 -8.04
CA CYS B 90 -5.91 8.94 -9.07
C CYS B 90 -5.71 7.62 -9.81
N GLN B 91 -6.78 7.15 -10.45
CA GLN B 91 -6.75 5.88 -11.18
C GLN B 91 -7.78 5.96 -12.29
N GLN B 92 -7.45 5.43 -13.46
CA GLN B 92 -8.42 5.25 -14.53
C GLN B 92 -8.79 3.78 -14.63
N SER B 93 -10.08 3.50 -14.67
CA SER B 93 -10.58 2.14 -14.84
C SER B 93 -11.12 1.92 -16.26
N TRP B 94 -10.53 2.60 -17.25
CA TRP B 94 -11.02 2.56 -18.63
C TRP B 94 -10.27 1.52 -19.47
N LYS B 95 -9.01 1.81 -19.85
CA LYS B 95 -8.19 0.89 -20.62
C LYS B 95 -7.32 0.02 -19.71
N ALA B 96 -7.38 -1.30 -19.90
CA ALA B 96 -6.46 -2.16 -19.18
C ALA B 96 -5.04 -2.02 -19.75
N PRO B 97 -4.00 -2.09 -18.90
CA PRO B 97 -4.09 -2.27 -17.44
C PRO B 97 -4.53 -0.97 -16.75
N TYR B 98 -5.27 -1.08 -15.66
CA TYR B 98 -5.96 0.07 -15.06
C TYR B 98 -4.98 0.82 -14.16
N THR B 99 -4.30 1.79 -14.75
CA THR B 99 -3.13 2.42 -14.15
C THR B 99 -3.51 3.49 -13.13
N PHE B 100 -2.65 3.62 -12.12
CA PHE B 100 -2.77 4.61 -11.06
C PHE B 100 -1.79 5.76 -11.31
N GLY B 101 -2.07 6.90 -10.68
CA GLY B 101 -1.10 7.97 -10.63
C GLY B 101 -0.05 7.74 -9.57
N GLY B 102 1.05 8.50 -9.65
CA GLY B 102 2.15 8.30 -8.73
C GLY B 102 1.86 8.68 -7.29
N GLY B 103 0.71 9.28 -7.02
CA GLY B 103 0.38 9.72 -5.69
C GLY B 103 0.68 11.20 -5.46
N THR B 104 0.01 11.75 -4.46
CA THR B 104 0.35 13.05 -3.89
C THR B 104 0.32 12.85 -2.38
N LYS B 105 1.46 12.98 -1.73
CA LYS B 105 1.46 12.90 -0.28
C LYS B 105 1.17 14.28 0.30
N LEU B 106 0.11 14.38 1.08
CA LEU B 106 -0.30 15.64 1.69
C LEU B 106 0.09 15.62 3.16
N GLU B 107 1.09 16.42 3.52
CA GLU B 107 1.58 16.54 4.88
C GLU B 107 1.14 17.85 5.53
N ILE B 108 1.15 17.86 6.85
CA ILE B 108 0.77 19.05 7.61
C ILE B 108 2.01 19.95 7.77
N LYS B 109 1.97 21.12 7.15
CA LYS B 109 3.09 22.06 7.22
C LYS B 109 3.31 22.53 8.66
N ARG B 110 4.56 22.41 9.12
CA ARG B 110 4.94 22.77 10.48
C ARG B 110 4.05 22.08 11.51
N GLY B 111 3.86 20.78 11.33
CA GLY B 111 3.01 20.01 12.22
C GLY B 111 3.73 19.46 13.42
N SER B 112 5.05 19.32 13.32
CA SER B 112 5.89 18.71 14.35
C SER B 112 6.54 19.75 15.25
N ASP B 113 5.79 20.78 15.65
CA ASP B 113 6.34 21.91 16.40
C ASP B 113 5.31 22.36 17.43
N TYR B 114 5.69 22.32 18.71
CA TYR B 114 4.77 22.74 19.76
C TYR B 114 4.28 24.17 19.55
N GLU B 115 5.12 25.02 18.95
CA GLU B 115 4.73 26.39 18.63
C GLU B 115 3.39 26.40 17.90
N PHE B 116 3.29 25.66 16.80
CA PHE B 116 2.06 25.56 16.02
C PHE B 116 1.04 24.65 16.68
N LEU B 117 1.49 23.63 17.42
CA LEU B 117 0.61 22.55 17.84
C LEU B 117 -0.40 22.99 18.88
N LYS B 118 -0.06 23.96 19.74
CA LYS B 118 -0.95 24.27 20.85
C LYS B 118 -2.20 25.03 20.42
N SER B 119 -2.24 25.53 19.18
CA SER B 119 -3.40 26.19 18.63
C SER B 119 -4.47 25.23 18.10
N TRP B 120 -4.19 23.94 18.06
CA TRP B 120 -5.17 22.95 17.63
C TRP B 120 -6.18 22.70 18.74
N THR B 121 -7.36 22.21 18.35
CA THR B 121 -8.33 21.75 19.33
C THR B 121 -7.78 20.53 20.04
N VAL B 122 -8.41 20.18 21.16
CA VAL B 122 -7.94 18.98 21.85
C VAL B 122 -8.26 17.74 21.01
N GLU B 123 -9.36 17.78 20.24
CA GLU B 123 -9.72 16.63 19.42
C GLU B 123 -8.69 16.39 18.32
N ASP B 124 -8.42 17.41 17.49
CA ASP B 124 -7.40 17.29 16.46
C ASP B 124 -6.05 16.89 17.03
N LEU B 125 -5.78 17.20 18.30
CA LEU B 125 -4.52 16.83 18.90
C LEU B 125 -4.48 15.34 19.21
N GLN B 126 -5.52 14.82 19.87
CA GLN B 126 -5.49 13.42 20.23
C GLN B 126 -5.74 12.50 19.04
N LYS B 127 -6.51 12.93 18.04
CA LYS B 127 -6.57 12.16 16.80
C LYS B 127 -5.19 12.07 16.15
N ARG B 128 -4.44 13.18 16.17
CA ARG B 128 -3.11 13.20 15.56
C ARG B 128 -2.13 12.35 16.36
N LEU B 129 -2.26 12.33 17.69
CA LEU B 129 -1.42 11.50 18.53
C LEU B 129 -1.53 10.03 18.13
N LEU B 130 -2.76 9.57 17.97
CA LEU B 130 -3.02 8.17 17.60
C LEU B 130 -2.64 7.88 16.15
N ALA B 131 -2.75 8.86 15.26
CA ALA B 131 -2.29 8.65 13.90
C ALA B 131 -0.80 8.34 13.80
N LEU B 132 -0.06 8.39 14.91
CA LEU B 132 1.37 8.10 14.88
C LEU B 132 1.65 6.60 14.93
N ASP B 133 0.76 5.83 15.56
CA ASP B 133 0.91 4.39 15.79
C ASP B 133 0.99 3.57 14.49
N PRO B 134 0.12 3.80 13.50
CA PRO B 134 0.28 3.07 12.23
C PRO B 134 1.61 3.33 11.57
N MET B 135 2.06 4.59 11.56
CA MET B 135 3.38 4.90 11.00
C MET B 135 4.47 4.10 11.70
N MET B 136 4.52 4.19 13.03
CA MET B 136 5.52 3.45 13.79
C MET B 136 5.45 1.96 13.50
N GLU B 137 4.23 1.40 13.45
CA GLU B 137 4.10 -0.04 13.26
C GLU B 137 4.56 -0.47 11.88
N GLN B 138 4.35 0.36 10.86
CA GLN B 138 4.88 0.04 9.54
C GLN B 138 6.41 -0.01 9.57
N GLU B 139 7.04 0.95 10.25
CA GLU B 139 8.50 0.97 10.31
C GLU B 139 9.04 -0.25 11.05
N ILE B 140 8.47 -0.57 12.21
CA ILE B 140 8.92 -1.75 12.95
C ILE B 140 8.72 -3.01 12.10
N GLU B 141 7.56 -3.13 11.47
CA GLU B 141 7.29 -4.33 10.68
C GLU B 141 8.22 -4.43 9.48
N GLU B 142 8.59 -3.30 8.87
CA GLU B 142 9.59 -3.35 7.81
C GLU B 142 10.93 -3.85 8.33
N ILE B 143 11.24 -3.57 9.60
CA ILE B 143 12.48 -4.07 10.19
C ILE B 143 12.39 -5.58 10.40
N ARG B 144 11.28 -6.05 10.99
CA ARG B 144 11.12 -7.48 11.27
C ARG B 144 11.26 -8.33 10.01
N GLN B 145 10.70 -7.85 8.89
CA GLN B 145 10.81 -8.59 7.64
C GLN B 145 12.19 -8.49 7.01
N LYS B 146 12.93 -7.41 7.29
CA LYS B 146 14.32 -7.34 6.87
C LYS B 146 15.16 -8.38 7.59
N TYR B 147 14.82 -8.70 8.84
CA TYR B 147 15.62 -9.68 9.57
C TYR B 147 15.21 -11.11 9.27
N GLN B 148 13.94 -11.36 8.94
CA GLN B 148 13.58 -12.63 8.34
C GLN B 148 14.35 -12.85 7.05
N CYS B 149 14.68 -11.77 6.35
CA CYS B 149 15.54 -11.86 5.18
C CYS B 149 16.96 -12.23 5.59
N LYS B 150 17.48 -11.61 6.65
CA LYS B 150 18.84 -11.91 7.11
C LYS B 150 18.91 -13.30 7.75
N ARG B 151 17.86 -13.73 8.46
CA ARG B 151 17.83 -15.05 9.06
C ARG B 151 17.80 -16.17 8.03
N GLN B 152 17.47 -15.85 6.77
CA GLN B 152 17.20 -16.92 5.79
C GLN B 152 18.46 -17.67 5.40
N PRO B 153 19.50 -17.04 4.86
CA PRO B 153 20.66 -17.83 4.41
C PRO B 153 21.40 -18.53 5.54
N ILE B 154 21.24 -18.07 6.78
CA ILE B 154 21.81 -18.78 7.92
C ILE B 154 21.09 -20.10 8.13
N LEU B 155 19.76 -20.07 8.10
CA LEU B 155 18.97 -21.30 8.23
C LEU B 155 19.21 -22.24 7.05
N ASP B 156 19.50 -21.70 5.87
CA ASP B 156 19.81 -22.51 4.71
C ASP B 156 21.20 -23.12 4.77
N ALA B 157 22.13 -22.51 5.51
CA ALA B 157 23.46 -23.06 5.67
C ALA B 157 23.56 -24.02 6.87
N ILE B 158 22.75 -23.79 7.91
CA ILE B 158 22.70 -24.70 9.05
C ILE B 158 22.18 -26.07 8.60
N GLU B 159 21.22 -26.09 7.68
CA GLU B 159 20.66 -27.35 7.19
C GLU B 159 21.37 -27.88 5.95
N ALA B 160 22.35 -27.15 5.40
CA ALA B 160 23.14 -27.66 4.29
C ALA B 160 24.28 -28.54 4.80
N LYS B 161 24.04 -29.26 5.89
CA LYS B 161 25.05 -30.10 6.53
C LYS B 161 24.53 -31.52 6.77
N1 E9R C . -11.88 -4.09 -14.89
N1 E9R C . -11.92 -4.12 -14.90
C2 E9R C . -10.71 -2.64 -12.86
C2 E9R C . -10.67 -2.69 -12.90
C4 E9R C . -11.28 -4.74 -13.88
C4 E9R C . -11.32 -4.78 -13.90
C8 E9R C . -17.54 -4.88 -19.59
C8 E9R C . -14.80 -4.46 -20.89
N2 E9R C . -15.08 -5.31 -19.96
N2 E9R C . -16.40 -5.49 -19.35
C6 E9R C . -11.32 -1.99 -13.93
C6 E9R C . -11.30 -2.03 -13.95
O6 E9R C . -15.92 -4.30 -21.80
O6 E9R C . -18.59 -5.93 -19.41
C5 E9R C . -11.91 -2.76 -14.94
C5 E9R C . -11.92 -2.78 -14.94
C1 E9R C . -10.08 -1.85 -11.74
C1 E9R C . -9.99 -1.91 -11.80
C10 E9R C . -14.50 -5.32 -17.33
C10 E9R C . -14.80 -5.17 -17.12
C11 E9R C . -13.94 -4.51 -16.16
C11 E9R C . -14.03 -4.40 -16.06
C12 E9R C . -12.48 -4.88 -15.96
C12 E9R C . -12.58 -4.86 -15.97
C18 E9R C . -14.99 -4.75 -21.16
C18 E9R C . -17.67 -5.14 -19.51
C3 E9R C . -10.69 -4.02 -12.84
C3 E9R C . -10.67 -4.08 -12.88
C7 E9R C . -16.26 -5.50 -19.10
C7 E9R C . -15.34 -4.50 -19.49
C9 E9R C . -15.88 -4.84 -17.77
C9 E9R C . -14.24 -4.93 -18.52
O1 E9R C . -10.18 -0.45 -12.04
O1 E9R C . -10.11 -0.51 -12.07
O2 E9R C . -18.48 -5.65 -19.89
O2 E9R C . -15.56 -4.08 -21.80
O3 E9R C . -10.09 -4.69 -11.81
O3 E9R C . -10.07 -4.77 -11.87
O4 E9R C . -17.61 -3.64 -19.68
O4 E9R C . -13.63 -4.83 -21.10
O5 E9R C . -13.68 -4.70 -21.80
O5 E9R C . -17.98 -3.75 -19.84
P PO4 D . -19.36 -14.07 -20.64
O1 PO4 D . -20.79 -14.58 -20.71
O2 PO4 D . -19.35 -12.57 -20.71
O3 PO4 D . -18.69 -14.56 -19.37
O4 PO4 D . -18.58 -14.62 -21.81
P PO4 E . -26.45 -5.36 -7.83
O1 PO4 E . -27.16 -5.42 -6.50
O2 PO4 E . -26.81 -4.06 -8.53
O3 PO4 E . -26.86 -6.54 -8.69
O4 PO4 E . -24.95 -5.39 -7.61
P PO4 F . -17.34 12.64 -20.60
O1 PO4 F . -18.44 11.77 -19.99
O2 PO4 F . -17.97 13.62 -21.57
O3 PO4 F . -16.61 13.38 -19.51
O4 PO4 F . -16.37 11.75 -21.35
#